data_8FXJ
#
_entry.id   8FXJ
#
_cell.length_a   129.546
_cell.length_b   129.546
_cell.length_c   96.808
_cell.angle_alpha   90.000
_cell.angle_beta   90.000
_cell.angle_gamma   120.000
#
_symmetry.space_group_name_H-M   'P 31 2 1'
#
loop_
_entity.id
_entity.type
_entity.pdbx_description
1 polymer 'Fab460, light chain'
2 polymer 'Fab460, heavy chain'
3 non-polymer GLYCEROL
4 non-polymer 'ACETATE ION'
5 non-polymer 'SULFATE ION'
6 non-polymer 'CHLORIDE ION'
7 water water
#
loop_
_entity_poly.entity_id
_entity_poly.type
_entity_poly.pdbx_seq_one_letter_code
_entity_poly.pdbx_strand_id
1 'polypeptide(L)'
;QIVLTQSPAVMSASPGERVTMTCSASSSVSYMYWYQQKPRSSPKPWIYLTSNLASGVPARFSGSGSGTSYSLTISSMEAE
DAATYYCQQWSSIPLTFGAGTKLELKRTVAAPSVFIFPPSDEQLKSGTASVVCLLNNFYPREAKVQWKVDNALQSGNSQE
SVTEQDSKDSTYSLSSTLTLSKADYEKHKVYACEVTHQGLSSPVTKSFNRGECE
;
L
2 'polypeptide(L)'
;EVQLQQSGAELVKPGASVKLSCTASGFNIKDTYMHWVKQRPEQGLEWIGRIDPANGNTKYDPKFQGKATITADTSSNTAY
LQLSSLTSEDTAVYFCTRSRGYFGNYYFDYWGQGTTLTVSSASTKGPSVFPLAPSSKSTSGGTAALGCLVKDYFPEPVTV
SWNSGALTSGVHTFPAVLQSSGLYSLSSVVTVPSSSLGTQTYICNVNHKPSNTKVDKRVEPKSCD
;
H
#
# COMPACT_ATOMS: atom_id res chain seq x y z
N GLN A 1 -13.99 7.41 25.76
CA GLN A 1 -13.05 6.58 25.03
C GLN A 1 -11.64 7.13 25.28
N ILE A 2 -10.71 6.23 25.57
CA ILE A 2 -9.34 6.61 25.85
C ILE A 2 -8.63 6.88 24.54
N VAL A 3 -8.18 8.12 24.36
CA VAL A 3 -7.44 8.52 23.18
C VAL A 3 -5.97 8.19 23.40
N LEU A 4 -5.37 7.50 22.43
CA LEU A 4 -3.94 7.19 22.47
C LEU A 4 -3.24 8.07 21.43
N THR A 5 -2.26 8.87 21.88
CA THR A 5 -1.55 9.82 21.02
C THR A 5 -0.12 9.33 20.84
N GLN A 6 0.22 8.95 19.60
CA GLN A 6 1.55 8.42 19.30
C GLN A 6 2.42 9.53 18.71
N SER A 7 3.65 9.64 19.22
CA SER A 7 4.65 10.59 18.76
C SER A 7 5.98 9.87 18.54
N PRO A 8 6.70 10.21 17.45
CA PRO A 8 6.27 11.10 16.35
C PRO A 8 5.34 10.34 15.39
N ALA A 9 4.59 11.05 14.54
CA ALA A 9 3.81 10.35 13.52
C ALA A 9 4.73 9.61 12.56
N VAL A 10 5.87 10.23 12.22
CA VAL A 10 6.81 9.69 11.24
C VAL A 10 8.21 10.01 11.76
N MET A 11 9.13 9.06 11.64
CA MET A 11 10.52 9.29 12.03
C MET A 11 11.39 8.37 11.20
N SER A 12 12.67 8.65 11.20
CA SER A 12 13.58 7.89 10.37
C SER A 12 14.89 7.61 11.11
N ALA A 13 15.43 6.41 10.92
CA ALA A 13 16.59 5.98 11.67
C ALA A 13 17.46 5.16 10.75
N SER A 14 18.79 5.23 10.97
CA SER A 14 19.78 4.39 10.31
C SER A 14 19.90 3.06 11.04
N PRO A 15 20.18 1.99 10.31
CA PRO A 15 20.50 0.70 10.95
C PRO A 15 21.59 0.93 11.98
N GLY A 16 21.43 0.35 13.16
CA GLY A 16 22.37 0.54 14.24
C GLY A 16 21.97 1.59 15.26
N GLU A 17 21.10 2.52 14.90
CA GLU A 17 20.65 3.56 15.82
C GLU A 17 19.60 3.03 16.81
N ARG A 18 19.64 3.59 18.01
CA ARG A 18 18.56 3.43 18.98
C ARG A 18 17.34 4.24 18.55
N VAL A 19 16.16 3.64 18.67
CA VAL A 19 14.89 4.26 18.30
C VAL A 19 13.94 4.13 19.46
N THR A 20 13.28 5.24 19.84
CA THR A 20 12.19 5.22 20.82
C THR A 20 10.99 5.96 20.28
N MET A 21 9.82 5.39 20.50
CA MET A 21 8.62 6.13 20.17
C MET A 21 7.65 6.05 21.33
N THR A 22 6.74 7.01 21.43
CA THR A 22 5.93 7.10 22.64
C THR A 22 4.44 7.00 22.32
N CYS A 23 3.69 6.63 23.35
CA CYS A 23 2.23 6.50 23.28
C CYS A 23 1.70 7.09 24.57
N SER A 24 0.91 8.16 24.45
CA SER A 24 0.33 8.89 25.57
C SER A 24 -1.19 8.68 25.55
N ALA A 25 -1.75 8.27 26.70
CA ALA A 25 -3.19 8.00 26.86
C ALA A 25 -3.87 9.18 27.54
N SER A 26 -5.11 9.46 27.10
CA SER A 26 -5.88 10.57 27.68
C SER A 26 -6.23 10.32 29.14
N SER A 27 -6.30 9.07 29.56
CA SER A 27 -6.43 8.78 30.98
C SER A 27 -5.70 7.47 31.24
N SER A 28 -5.55 7.16 32.52
CA SER A 28 -4.66 6.10 32.94
C SER A 28 -5.11 4.76 32.39
N VAL A 29 -4.13 3.91 32.02
CA VAL A 29 -4.40 2.53 31.66
C VAL A 29 -3.40 1.63 32.37
N SER A 30 -3.76 0.36 32.48
CA SER A 30 -2.99 -0.60 33.27
C SER A 30 -1.79 -1.13 32.49
N TYR A 31 -1.99 -1.40 31.20
CA TYR A 31 -0.95 -1.96 30.36
C TYR A 31 -1.12 -1.36 28.98
N MET A 32 -0.02 -1.34 28.21
CA MET A 32 -0.11 -0.91 26.83
C MET A 32 0.33 -2.06 25.93
N TYR A 33 -0.21 -2.09 24.71
CA TYR A 33 0.00 -3.16 23.76
C TYR A 33 0.44 -2.53 22.45
N TRP A 34 1.20 -3.28 21.66
CA TRP A 34 1.75 -2.73 20.43
C TRP A 34 1.69 -3.76 19.32
N TYR A 35 1.48 -3.25 18.10
CA TYR A 35 1.40 -4.07 16.90
C TYR A 35 2.26 -3.43 15.84
N GLN A 36 2.88 -4.27 15.01
CA GLN A 36 3.70 -3.82 13.88
C GLN A 36 2.92 -4.09 12.60
N GLN A 37 2.89 -3.15 11.67
CA GLN A 37 2.25 -3.45 10.40
C GLN A 37 3.10 -2.91 9.26
N LYS A 38 3.29 -3.73 8.23
CA LYS A 38 3.99 -3.31 7.03
C LYS A 38 2.97 -3.16 5.89
N PRO A 39 3.29 -2.40 4.83
CA PRO A 39 2.30 -2.15 3.78
C PRO A 39 1.78 -3.45 3.17
N ARG A 40 0.49 -3.46 2.94
CA ARG A 40 -0.21 -4.54 2.26
C ARG A 40 -0.22 -5.82 3.09
N SER A 41 -0.03 -5.76 4.39
CA SER A 41 -0.15 -6.99 5.17
C SER A 41 -0.84 -6.71 6.49
N SER A 42 -1.16 -7.79 7.20
CA SER A 42 -1.93 -7.69 8.42
C SER A 42 -1.02 -7.21 9.56
N PRO A 43 -1.58 -6.50 10.54
CA PRO A 43 -0.80 -6.17 11.72
C PRO A 43 -0.35 -7.45 12.42
N LYS A 44 0.77 -7.35 13.14
CA LYS A 44 1.29 -8.48 13.91
C LYS A 44 1.36 -8.10 15.37
N PRO A 45 0.99 -8.97 16.30
CA PRO A 45 1.22 -8.66 17.72
C PRO A 45 2.72 -8.47 17.96
N TRP A 46 3.06 -7.46 18.75
CA TRP A 46 4.48 -7.14 18.92
C TRP A 46 4.89 -7.12 20.40
N ILE A 47 4.16 -6.35 21.21
CA ILE A 47 4.38 -6.27 22.65
C ILE A 47 3.01 -6.33 23.33
N TYR A 48 2.90 -7.11 24.42
CA TYR A 48 1.66 -7.12 25.18
C TYR A 48 2.00 -6.96 26.64
N LEU A 49 1.00 -6.55 27.42
CA LEU A 49 1.20 -6.27 28.84
C LEU A 49 2.45 -5.39 29.05
N THR A 50 2.56 -4.35 28.21
CA THR A 50 3.52 -3.24 28.32
C THR A 50 4.92 -3.63 27.85
N SER A 51 5.43 -4.79 28.31
CA SER A 51 6.83 -5.12 28.11
C SER A 51 7.09 -6.56 27.65
N ASN A 52 6.06 -7.37 27.40
CA ASN A 52 6.31 -8.75 26.97
C ASN A 52 6.32 -8.82 25.46
N LEU A 53 7.39 -9.36 24.88
CA LEU A 53 7.49 -9.46 23.44
C LEU A 53 6.63 -10.62 22.95
N ALA A 54 5.92 -10.42 21.84
CA ALA A 54 5.17 -11.52 21.24
C ALA A 54 6.14 -12.52 20.62
N SER A 55 5.62 -13.70 20.27
CA SER A 55 6.53 -14.75 19.81
C SER A 55 7.11 -14.36 18.46
N GLY A 56 8.40 -14.60 18.28
CA GLY A 56 9.08 -14.19 17.08
C GLY A 56 9.65 -12.80 17.08
N VAL A 57 9.32 -11.97 18.07
CA VAL A 57 9.82 -10.59 18.06
C VAL A 57 11.24 -10.57 18.61
N PRO A 58 12.21 -10.01 17.90
CA PRO A 58 13.61 -10.12 18.35
C PRO A 58 13.89 -9.31 19.61
N ALA A 59 14.94 -9.71 20.30
CA ALA A 59 15.23 -9.18 21.62
C ALA A 59 15.63 -7.70 21.60
N ARG A 60 15.97 -7.11 20.44
CA ARG A 60 16.29 -5.68 20.41
C ARG A 60 15.06 -4.80 20.66
N PHE A 61 13.86 -5.34 20.59
CA PHE A 61 12.65 -4.58 20.91
C PHE A 61 12.39 -4.60 22.41
N SER A 62 11.90 -3.48 22.94
CA SER A 62 11.40 -3.52 24.30
C SER A 62 10.27 -2.51 24.44
N GLY A 63 9.52 -2.65 25.51
CA GLY A 63 8.40 -1.77 25.79
C GLY A 63 8.44 -1.37 27.23
N SER A 64 7.98 -0.14 27.49
CA SER A 64 8.01 0.43 28.82
C SER A 64 6.83 1.36 29.03
N GLY A 65 6.70 1.79 30.28
CA GLY A 65 5.76 2.83 30.64
C GLY A 65 4.84 2.40 31.76
N SER A 66 4.02 3.35 32.19
CA SER A 66 2.91 3.10 33.11
C SER A 66 2.00 4.31 33.09
N GLY A 67 0.86 4.18 33.76
CA GLY A 67 -0.08 5.29 33.85
C GLY A 67 -0.57 5.77 32.49
N THR A 68 -0.19 6.98 32.09
CA THR A 68 -0.59 7.55 30.81
C THR A 68 0.54 7.62 29.79
N SER A 69 1.73 7.15 30.10
CA SER A 69 2.89 7.34 29.24
C SER A 69 3.62 6.01 29.02
N TYR A 70 3.72 5.61 27.76
CA TYR A 70 4.30 4.33 27.39
C TYR A 70 5.21 4.55 26.20
N SER A 71 6.10 3.58 25.96
CA SER A 71 7.05 3.75 24.87
C SER A 71 7.48 2.38 24.37
N LEU A 72 7.87 2.34 23.11
CA LEU A 72 8.48 1.19 22.49
C LEU A 72 9.89 1.61 22.06
N THR A 73 10.88 0.76 22.32
CA THR A 73 12.27 1.05 21.98
C THR A 73 12.88 -0.07 21.16
N ILE A 74 13.72 0.31 20.19
CA ILE A 74 14.59 -0.61 19.47
C ILE A 74 16.01 -0.25 19.86
N SER A 75 16.73 -1.19 20.45
CA SER A 75 18.07 -0.85 20.91
C SER A 75 18.99 -0.53 19.74
N SER A 76 18.85 -1.25 18.63
CA SER A 76 19.72 -1.07 17.49
C SER A 76 18.89 -1.45 16.26
N MET A 77 18.45 -0.42 15.54
CA MET A 77 17.58 -0.55 14.36
C MET A 77 18.14 -1.52 13.32
N GLU A 78 17.26 -2.34 12.74
CA GLU A 78 17.58 -3.05 11.52
C GLU A 78 16.64 -2.62 10.42
N ALA A 79 17.11 -2.78 9.17
CA ALA A 79 16.31 -2.38 8.02
C ALA A 79 14.89 -2.97 8.09
N GLU A 80 14.77 -4.24 8.47
CA GLU A 80 13.48 -4.95 8.55
C GLU A 80 12.53 -4.37 9.60
N ASP A 81 13.00 -3.48 10.46
CA ASP A 81 12.15 -2.88 11.46
C ASP A 81 11.37 -1.70 10.92
N ALA A 82 11.65 -1.24 9.70
CA ALA A 82 10.92 -0.11 9.15
C ALA A 82 9.48 -0.58 8.91
N ALA A 83 8.53 0.12 9.53
CA ALA A 83 7.15 -0.37 9.58
C ALA A 83 6.33 0.68 10.30
N THR A 84 5.03 0.49 10.40
CA THR A 84 4.22 1.32 11.29
C THR A 84 3.92 0.53 12.56
N TYR A 85 4.03 1.19 13.70
CA TYR A 85 3.81 0.60 15.02
C TYR A 85 2.60 1.28 15.62
N TYR A 86 1.58 0.49 16.01
CA TYR A 86 0.36 1.01 16.62
C TYR A 86 0.34 0.59 18.08
N CYS A 87 0.05 1.52 18.96
CA CYS A 87 -0.31 1.10 20.32
C CYS A 87 -1.82 0.90 20.45
N GLN A 88 -2.24 0.23 21.53
CA GLN A 88 -3.62 -0.21 21.71
C GLN A 88 -3.83 -0.51 23.20
N GLN A 89 -5.00 -0.14 23.73
CA GLN A 89 -5.32 -0.31 25.15
C GLN A 89 -6.54 -1.23 25.30
N TRP A 90 -6.50 -2.03 26.36
CA TRP A 90 -7.54 -2.98 26.75
C TRP A 90 -8.21 -2.61 28.06
N SER A 91 -7.87 -1.47 28.65
CA SER A 91 -8.44 -1.13 29.94
C SER A 91 -9.86 -0.56 29.85
N SER A 92 -10.27 0.00 28.72
CA SER A 92 -11.57 0.64 28.64
C SER A 92 -12.22 0.32 27.31
N ILE A 93 -13.54 0.18 27.32
CA ILE A 93 -14.32 -0.01 26.10
C ILE A 93 -14.84 1.37 25.69
N PRO A 94 -14.81 1.74 24.41
CA PRO A 94 -14.38 0.95 23.24
C PRO A 94 -12.86 0.78 23.20
N LEU A 95 -12.38 -0.36 22.71
CA LEU A 95 -10.95 -0.49 22.49
C LEU A 95 -10.51 0.55 21.49
N THR A 96 -9.31 1.11 21.71
CA THR A 96 -8.81 2.16 20.83
C THR A 96 -7.35 1.89 20.50
N PHE A 97 -6.92 2.33 19.30
CA PHE A 97 -5.54 2.29 18.83
C PHE A 97 -4.98 3.71 18.75
N GLY A 98 -3.65 3.84 18.89
CA GLY A 98 -3.00 5.07 18.47
C GLY A 98 -3.06 5.21 16.96
N ALA A 99 -2.71 6.40 16.45
CA ALA A 99 -2.71 6.62 15.01
C ALA A 99 -1.44 6.09 14.32
N GLY A 100 -0.48 5.58 15.06
CA GLY A 100 0.66 4.91 14.44
C GLY A 100 1.89 5.80 14.45
N THR A 101 3.05 5.17 14.58
CA THR A 101 4.32 5.82 14.31
C THR A 101 4.91 5.08 13.13
N LYS A 102 5.14 5.79 12.04
CA LYS A 102 5.76 5.20 10.87
C LYS A 102 7.26 5.36 10.99
N LEU A 103 7.97 4.24 11.10
CA LEU A 103 9.42 4.24 11.23
C LEU A 103 10.00 3.96 9.86
N GLU A 104 10.77 4.91 9.33
CA GLU A 104 11.35 4.87 7.98
C GLU A 104 12.85 4.74 8.11
N LEU A 105 13.51 4.50 7.00
CA LEU A 105 14.95 4.31 7.02
C LEU A 105 15.66 5.61 6.61
N LYS A 106 16.60 6.03 7.43
CA LYS A 106 17.46 7.18 7.12
C LYS A 106 18.66 6.74 6.28
N ARG A 107 19.00 7.50 5.23
CA ARG A 107 20.24 7.24 4.48
C ARG A 107 20.73 8.56 3.91
N THR A 108 21.83 8.52 3.17
CA THR A 108 22.39 9.76 2.62
C THR A 108 21.54 10.22 1.42
N VAL A 109 21.61 11.52 1.14
CA VAL A 109 21.00 12.08 -0.06
C VAL A 109 21.45 11.32 -1.31
N ALA A 110 20.52 11.14 -2.25
CA ALA A 110 20.73 10.38 -3.49
C ALA A 110 19.93 11.07 -4.60
N ALA A 111 20.57 11.47 -5.70
CA ALA A 111 19.84 12.15 -6.76
C ALA A 111 19.12 11.13 -7.64
N PRO A 112 17.95 11.49 -8.18
CA PRO A 112 17.24 10.55 -9.07
C PRO A 112 17.95 10.45 -10.40
N SER A 113 17.86 9.26 -11.02
CA SER A 113 18.05 9.11 -12.46
C SER A 113 16.73 9.32 -13.14
N VAL A 114 16.72 10.06 -14.25
CA VAL A 114 15.47 10.52 -14.87
C VAL A 114 15.37 9.93 -16.27
N PHE A 115 14.26 9.26 -16.55
CA PHE A 115 14.03 8.66 -17.86
C PHE A 115 12.65 9.04 -18.36
N ILE A 116 12.51 9.10 -19.68
CA ILE A 116 11.25 9.51 -20.30
C ILE A 116 10.88 8.49 -21.39
N PHE A 117 9.57 8.24 -21.53
CA PHE A 117 9.04 7.19 -22.41
C PHE A 117 7.93 7.84 -23.24
N PRO A 118 8.02 7.84 -24.56
CA PRO A 118 6.91 8.37 -25.35
C PRO A 118 5.73 7.42 -25.32
N PRO A 119 4.55 7.88 -25.77
CA PRO A 119 3.41 6.96 -25.92
C PRO A 119 3.74 5.84 -26.89
N SER A 120 3.16 4.67 -26.67
CA SER A 120 3.27 3.60 -27.65
C SER A 120 2.40 3.87 -28.87
N ASP A 121 2.78 3.30 -30.01
CA ASP A 121 1.92 3.36 -31.20
C ASP A 121 0.58 2.68 -30.96
N GLU A 122 0.59 1.56 -30.24
CA GLU A 122 -0.65 0.91 -29.80
C GLU A 122 -1.61 1.91 -29.16
N GLN A 123 -1.15 2.68 -28.17
CA GLN A 123 -2.05 3.58 -27.47
C GLN A 123 -2.52 4.69 -28.39
N LEU A 124 -1.59 5.23 -29.19
CA LEU A 124 -1.96 6.27 -30.17
C LEU A 124 -3.11 5.82 -31.08
N LYS A 125 -3.12 4.55 -31.49
CA LYS A 125 -4.23 4.07 -32.31
C LYS A 125 -5.57 4.27 -31.61
N SER A 126 -5.58 4.26 -30.28
CA SER A 126 -6.81 4.38 -29.50
C SER A 126 -7.23 5.82 -29.24
N GLY A 127 -6.47 6.82 -29.66
CA GLY A 127 -6.90 8.20 -29.48
C GLY A 127 -6.30 8.94 -28.31
N THR A 128 -5.42 8.30 -27.53
CA THR A 128 -4.84 8.87 -26.33
C THR A 128 -3.34 8.72 -26.38
N ALA A 129 -2.63 9.63 -25.71
CA ALA A 129 -1.19 9.63 -25.64
C ALA A 129 -0.77 9.86 -24.20
N SER A 130 -0.16 8.85 -23.57
CA SER A 130 0.40 8.98 -22.24
C SER A 130 1.92 9.02 -22.34
N VAL A 131 2.51 10.05 -21.77
CA VAL A 131 3.96 10.20 -21.72
C VAL A 131 4.38 9.93 -20.28
N VAL A 132 5.43 9.11 -20.08
CA VAL A 132 5.79 8.68 -18.73
C VAL A 132 7.19 9.17 -18.41
N CYS A 133 7.34 9.75 -17.22
CA CYS A 133 8.61 10.22 -16.69
C CYS A 133 8.91 9.42 -15.44
N LEU A 134 10.10 8.84 -15.37
CA LEU A 134 10.54 7.97 -14.28
C LEU A 134 11.70 8.61 -13.51
N LEU A 135 11.56 8.67 -12.19
CA LEU A 135 12.65 9.16 -11.34
C LEU A 135 13.06 7.99 -10.47
N ASN A 136 14.29 7.52 -10.62
CA ASN A 136 14.62 6.24 -10.04
C ASN A 136 15.63 6.47 -8.91
N ASN A 137 15.36 5.89 -7.74
CA ASN A 137 16.32 5.68 -6.65
C ASN A 137 16.83 6.97 -6.05
N PHE A 138 15.93 7.80 -5.53
CA PHE A 138 16.37 9.05 -4.92
C PHE A 138 16.06 9.07 -3.43
N TYR A 139 16.60 10.06 -2.73
CA TYR A 139 16.42 10.22 -1.29
C TYR A 139 16.86 11.62 -0.94
N PRO A 140 16.09 12.39 -0.14
CA PRO A 140 14.81 12.01 0.51
C PRO A 140 13.64 11.97 -0.48
N ARG A 141 12.46 11.70 0.06
CA ARG A 141 11.27 11.40 -0.73
C ARG A 141 10.80 12.60 -1.57
N GLU A 142 11.01 13.81 -1.09
CA GLU A 142 10.43 14.99 -1.75
C GLU A 142 11.07 15.24 -3.10
N ALA A 143 10.25 15.36 -4.13
CA ALA A 143 10.75 15.58 -5.48
C ALA A 143 9.66 16.31 -6.25
N LYS A 144 10.08 17.20 -7.15
CA LYS A 144 9.14 17.96 -7.96
C LYS A 144 9.33 17.61 -9.43
N VAL A 145 8.23 17.23 -10.08
CA VAL A 145 8.20 16.93 -11.51
C VAL A 145 7.37 18.00 -12.19
N GLN A 146 7.88 18.50 -13.30
CA GLN A 146 7.24 19.54 -14.09
C GLN A 146 7.24 19.11 -15.55
N TRP A 147 6.06 18.96 -16.13
CA TRP A 147 5.94 18.61 -17.54
C TRP A 147 5.90 19.87 -18.41
N LYS A 148 6.68 19.89 -19.50
CA LYS A 148 6.64 20.97 -20.47
C LYS A 148 6.42 20.42 -21.87
N VAL A 149 5.49 21.02 -22.60
CA VAL A 149 5.19 20.62 -23.98
C VAL A 149 5.46 21.85 -24.84
N ASP A 150 6.37 21.72 -25.82
CA ASP A 150 6.94 22.85 -26.54
C ASP A 150 7.26 24.00 -25.60
N ASN A 151 7.79 23.66 -24.42
CA ASN A 151 8.25 24.57 -23.38
C ASN A 151 7.12 25.24 -22.62
N ALA A 152 5.89 24.75 -22.75
CA ALA A 152 4.77 25.28 -22.00
C ALA A 152 4.46 24.34 -20.84
N LEU A 153 4.38 24.90 -19.63
CA LEU A 153 4.09 24.08 -18.47
C LEU A 153 2.72 23.43 -18.57
N GLN A 154 2.59 22.26 -17.97
CA GLN A 154 1.39 21.47 -18.03
C GLN A 154 0.81 21.37 -16.63
N SER A 155 -0.46 21.72 -16.50
CA SER A 155 -1.13 21.75 -15.21
C SER A 155 -2.41 20.92 -15.31
N GLY A 156 -2.59 19.99 -14.38
CA GLY A 156 -3.87 19.33 -14.22
C GLY A 156 -4.15 18.19 -15.18
N ASN A 157 -3.12 17.69 -15.89
CA ASN A 157 -3.27 16.59 -16.84
C ASN A 157 -2.22 15.52 -16.61
N SER A 158 -1.74 15.39 -15.39
CA SER A 158 -0.76 14.37 -15.04
C SER A 158 -1.13 13.75 -13.71
N GLN A 159 -0.58 12.57 -13.47
CA GLN A 159 -0.77 11.87 -12.22
C GLN A 159 0.58 11.27 -11.88
N GLU A 160 0.86 11.13 -10.60
CA GLU A 160 2.15 10.58 -10.22
C GLU A 160 2.03 9.73 -8.98
N SER A 161 2.95 8.78 -8.81
CA SER A 161 2.97 8.05 -7.56
C SER A 161 4.38 7.62 -7.24
N VAL A 162 4.60 7.33 -5.97
CA VAL A 162 5.93 7.10 -5.42
C VAL A 162 5.92 5.74 -4.75
N THR A 163 6.95 4.92 -4.98
CA THR A 163 6.99 3.62 -4.33
C THR A 163 7.21 3.79 -2.81
N GLU A 164 7.00 2.71 -2.07
CA GLU A 164 7.55 2.61 -0.72
C GLU A 164 9.07 2.60 -0.78
N GLN A 165 9.68 2.93 0.37
CA GLN A 165 11.12 2.91 0.46
C GLN A 165 11.65 1.54 0.08
N ASP A 166 12.67 1.50 -0.74
CA ASP A 166 13.19 0.23 -1.16
C ASP A 166 14.00 -0.34 -0.01
N SER A 167 13.74 -1.59 0.38
CA SER A 167 14.48 -2.05 1.56
C SER A 167 15.93 -2.44 1.24
N LYS A 168 16.28 -2.68 -0.05
CA LYS A 168 17.68 -2.97 -0.42
C LYS A 168 18.56 -1.72 -0.28
N ASP A 169 18.08 -0.57 -0.77
CA ASP A 169 18.92 0.62 -0.74
C ASP A 169 18.26 1.84 -0.09
N SER A 170 17.03 1.71 0.45
CA SER A 170 16.40 2.79 1.20
C SER A 170 16.03 3.98 0.33
N THR A 171 15.96 3.83 -0.99
CA THR A 171 15.57 4.94 -1.82
C THR A 171 14.10 4.83 -2.20
N TYR A 172 13.61 5.86 -2.91
CA TYR A 172 12.29 5.95 -3.46
C TYR A 172 12.42 6.07 -4.97
N SER A 173 11.34 5.71 -5.67
CA SER A 173 11.27 5.97 -7.11
C SER A 173 9.88 6.57 -7.37
N LEU A 174 9.77 7.31 -8.45
CA LEU A 174 8.55 8.06 -8.72
C LEU A 174 8.24 7.89 -10.19
N SER A 175 6.97 7.72 -10.49
CA SER A 175 6.50 7.60 -11.86
C SER A 175 5.46 8.68 -12.08
N SER A 176 5.61 9.50 -13.13
CA SER A 176 4.61 10.51 -13.45
C SER A 176 4.13 10.32 -14.89
N THR A 177 2.80 10.35 -15.10
CA THR A 177 2.20 10.14 -16.42
C THR A 177 1.48 11.41 -16.83
N LEU A 178 1.87 11.96 -17.97
CA LEU A 178 1.13 13.04 -18.62
C LEU A 178 0.21 12.45 -19.67
N THR A 179 -1.08 12.79 -19.63
CA THR A 179 -2.02 12.17 -20.55
C THR A 179 -2.67 13.27 -21.38
N LEU A 180 -2.51 13.19 -22.71
CA LEU A 180 -3.12 14.14 -23.64
C LEU A 180 -3.96 13.40 -24.66
N SER A 181 -4.81 14.13 -25.37
CA SER A 181 -5.45 13.50 -26.51
C SER A 181 -4.42 13.27 -27.59
N LYS A 182 -4.72 12.34 -28.51
CA LYS A 182 -3.78 12.13 -29.60
C LYS A 182 -3.67 13.38 -30.47
N ALA A 183 -4.81 14.08 -30.65
CA ALA A 183 -4.80 15.35 -31.38
C ALA A 183 -3.76 16.30 -30.80
N ASP A 184 -3.81 16.54 -29.47
CA ASP A 184 -2.90 17.52 -28.89
C ASP A 184 -1.47 17.01 -28.89
N TYR A 185 -1.30 15.69 -28.78
CA TYR A 185 0.04 15.12 -28.84
C TYR A 185 0.68 15.34 -30.20
N GLU A 186 -0.09 15.17 -31.28
CA GLU A 186 0.42 15.29 -32.64
C GLU A 186 0.58 16.73 -33.08
N LYS A 187 0.10 17.69 -32.29
CA LYS A 187 0.26 19.08 -32.68
C LYS A 187 1.51 19.72 -32.08
N HIS A 188 2.19 19.06 -31.16
CA HIS A 188 3.39 19.60 -30.54
C HIS A 188 4.59 18.71 -30.81
N LYS A 189 5.80 19.26 -30.60
CA LYS A 189 7.05 18.58 -30.92
C LYS A 189 7.83 18.11 -29.70
N VAL A 190 8.16 19.01 -28.77
CA VAL A 190 9.11 18.72 -27.70
C VAL A 190 8.36 18.38 -26.42
N TYR A 191 8.66 17.21 -25.86
CA TYR A 191 8.04 16.72 -24.63
C TYR A 191 9.14 16.54 -23.61
N ALA A 192 8.99 17.17 -22.44
CA ALA A 192 10.08 17.23 -21.45
C ALA A 192 9.51 17.10 -20.05
N CYS A 193 10.17 16.33 -19.19
CA CYS A 193 9.91 16.45 -17.75
C CYS A 193 11.14 17.02 -17.06
N GLU A 194 10.90 17.98 -16.18
CA GLU A 194 11.92 18.70 -15.46
C GLU A 194 11.82 18.33 -13.99
N VAL A 195 12.93 17.84 -13.43
CA VAL A 195 12.96 17.27 -12.09
C VAL A 195 13.80 18.17 -11.18
N THR A 196 13.21 18.58 -10.06
CA THR A 196 13.93 19.27 -8.99
C THR A 196 14.03 18.33 -7.80
N HIS A 197 15.22 18.22 -7.22
CA HIS A 197 15.44 17.36 -6.07
C HIS A 197 16.66 17.86 -5.33
N GLN A 198 16.64 17.69 -4.02
CA GLN A 198 17.72 18.20 -3.18
C GLN A 198 19.07 17.55 -3.50
N GLY A 199 19.07 16.34 -4.06
CA GLY A 199 20.31 15.70 -4.54
C GLY A 199 20.90 16.29 -5.82
N LEU A 200 20.20 17.18 -6.50
CA LEU A 200 20.66 17.74 -7.76
C LEU A 200 21.05 19.19 -7.52
N SER A 201 22.22 19.59 -8.03
CA SER A 201 22.64 20.99 -7.88
C SER A 201 21.80 21.92 -8.75
N SER A 202 21.26 21.46 -9.87
CA SER A 202 20.22 22.21 -10.57
C SER A 202 19.24 21.23 -11.22
N PRO A 203 18.04 21.69 -11.61
CA PRO A 203 17.04 20.76 -12.13
C PRO A 203 17.52 20.05 -13.39
N VAL A 204 17.04 18.83 -13.57
CA VAL A 204 17.42 18.00 -14.71
C VAL A 204 16.20 17.87 -15.61
N THR A 205 16.40 18.08 -16.92
CA THR A 205 15.31 17.97 -17.89
C THR A 205 15.62 16.79 -18.80
N LYS A 206 14.70 15.84 -18.92
CA LYS A 206 14.77 14.86 -19.98
C LYS A 206 13.66 15.09 -20.98
N SER A 207 14.00 15.02 -22.27
CA SER A 207 13.00 15.30 -23.28
C SER A 207 13.23 14.46 -24.53
N PHE A 208 12.22 14.44 -25.39
CA PHE A 208 12.32 13.86 -26.73
C PHE A 208 11.50 14.71 -27.70
N ASN A 209 11.80 14.62 -28.99
CA ASN A 209 10.94 15.17 -30.03
C ASN A 209 10.05 14.09 -30.65
N ARG A 210 8.74 14.32 -30.64
CA ARG A 210 7.82 13.40 -31.26
C ARG A 210 8.24 13.08 -32.68
N GLY A 211 8.19 11.79 -33.02
CA GLY A 211 8.51 11.36 -34.37
C GLY A 211 9.97 11.30 -34.69
N GLU A 212 10.82 11.13 -33.68
CA GLU A 212 12.26 11.13 -33.87
C GLU A 212 12.94 10.53 -32.65
N GLU B 1 -2.12 -25.60 13.94
CA GLU B 1 -1.72 -24.20 13.76
C GLU B 1 -2.92 -23.28 13.48
N VAL B 2 -2.89 -22.12 14.12
CA VAL B 2 -4.01 -21.19 14.09
C VAL B 2 -3.98 -20.43 12.76
N GLN B 3 -5.11 -20.43 12.06
CA GLN B 3 -5.32 -19.60 10.87
C GLN B 3 -6.68 -18.94 10.94
N LEU B 4 -6.73 -17.70 10.43
CA LEU B 4 -7.96 -16.94 10.24
C LEU B 4 -8.04 -16.67 8.74
N GLN B 5 -8.97 -17.35 8.07
CA GLN B 5 -9.16 -17.23 6.62
C GLN B 5 -10.36 -16.35 6.30
N GLN B 6 -10.10 -15.16 5.74
CA GLN B 6 -11.16 -14.24 5.43
C GLN B 6 -11.66 -14.42 4.00
N SER B 7 -12.90 -14.00 3.76
CA SER B 7 -13.53 -14.09 2.45
C SER B 7 -12.90 -13.08 1.48
N GLY B 8 -13.19 -13.23 0.19
CA GLY B 8 -12.47 -12.49 -0.83
C GLY B 8 -12.97 -11.06 -0.99
N ALA B 9 -12.27 -10.30 -1.84
CA ALA B 9 -12.58 -8.88 -2.08
C ALA B 9 -14.03 -8.69 -2.52
N GLU B 10 -14.63 -7.57 -2.11
CA GLU B 10 -16.01 -7.24 -2.42
C GLU B 10 -16.06 -5.90 -3.13
N LEU B 11 -16.82 -5.83 -4.22
CA LEU B 11 -17.22 -4.57 -4.85
C LEU B 11 -18.74 -4.49 -4.74
N VAL B 12 -19.27 -3.51 -4.00
CA VAL B 12 -20.70 -3.47 -3.66
C VAL B 12 -21.21 -2.03 -3.82
N LYS B 13 -22.43 -1.87 -4.36
CA LYS B 13 -22.95 -0.52 -4.61
C LYS B 13 -23.28 0.18 -3.29
N PRO B 14 -23.22 1.52 -3.28
CA PRO B 14 -23.65 2.27 -2.10
C PRO B 14 -25.10 1.94 -1.78
N GLY B 15 -25.45 1.99 -0.51
CA GLY B 15 -26.84 1.73 -0.12
C GLY B 15 -27.16 0.26 0.09
N ALA B 16 -26.37 -0.66 -0.44
CA ALA B 16 -26.60 -2.08 -0.24
C ALA B 16 -25.93 -2.54 1.05
N SER B 17 -26.06 -3.84 1.33
N SER B 17 -26.04 -3.84 1.33
CA SER B 17 -25.40 -4.49 2.45
CA SER B 17 -25.40 -4.45 2.49
C SER B 17 -24.23 -5.32 1.95
C SER B 17 -24.35 -5.45 2.00
N VAL B 18 -23.40 -5.79 2.88
CA VAL B 18 -22.40 -6.79 2.54
C VAL B 18 -22.07 -7.60 3.78
N LYS B 19 -21.71 -8.87 3.58
CA LYS B 19 -21.37 -9.79 4.67
C LYS B 19 -19.95 -10.29 4.43
N LEU B 20 -19.06 -10.05 5.39
CA LEU B 20 -17.69 -10.54 5.32
C LEU B 20 -17.58 -11.70 6.31
N SER B 21 -16.71 -12.66 6.00
CA SER B 21 -16.62 -13.83 6.86
C SER B 21 -15.14 -14.15 7.19
N CYS B 22 -14.96 -14.85 8.29
CA CYS B 22 -13.62 -15.20 8.77
C CYS B 22 -13.71 -16.61 9.35
N THR B 23 -13.09 -17.58 8.68
CA THR B 23 -13.19 -18.98 9.05
C THR B 23 -11.93 -19.38 9.80
N ALA B 24 -12.11 -19.84 11.02
CA ALA B 24 -10.98 -20.18 11.87
C ALA B 24 -10.63 -21.65 11.72
N SER B 25 -9.33 -21.95 11.83
CA SER B 25 -8.91 -23.33 11.95
C SER B 25 -7.74 -23.40 12.91
N GLY B 26 -7.50 -24.59 13.45
CA GLY B 26 -6.49 -24.78 14.46
C GLY B 26 -6.90 -24.41 15.86
N PHE B 27 -8.12 -23.88 16.05
CA PHE B 27 -8.69 -23.64 17.39
C PHE B 27 -10.21 -23.54 17.23
N ASN B 28 -10.91 -23.59 18.38
CA ASN B 28 -12.37 -23.35 18.44
C ASN B 28 -12.70 -21.90 18.79
N ILE B 29 -13.47 -21.22 17.94
CA ILE B 29 -13.77 -19.83 18.23
C ILE B 29 -14.56 -19.67 19.53
N LYS B 30 -15.21 -20.72 20.02
CA LYS B 30 -15.90 -20.55 21.30
C LYS B 30 -14.95 -20.29 22.46
N ASP B 31 -13.66 -20.58 22.31
CA ASP B 31 -12.72 -20.30 23.40
C ASP B 31 -12.12 -18.91 23.31
N THR B 32 -12.58 -18.08 22.38
CA THR B 32 -11.90 -16.83 22.13
C THR B 32 -12.95 -15.73 22.00
N TYR B 33 -12.49 -14.54 21.69
CA TYR B 33 -13.32 -13.42 21.32
C TYR B 33 -12.89 -13.08 19.90
N MET B 34 -13.85 -12.94 19.00
CA MET B 34 -13.59 -12.67 17.60
C MET B 34 -13.90 -11.20 17.32
N HIS B 35 -12.89 -10.45 16.91
CA HIS B 35 -12.97 -9.00 16.74
C HIS B 35 -12.90 -8.67 15.25
N TRP B 36 -13.43 -7.50 14.87
CA TRP B 36 -13.23 -6.91 13.55
C TRP B 36 -12.59 -5.53 13.67
N VAL B 37 -11.66 -5.24 12.78
CA VAL B 37 -10.89 -4.02 12.80
C VAL B 37 -10.93 -3.47 11.37
N LYS B 38 -11.13 -2.17 11.24
CA LYS B 38 -11.24 -1.49 9.95
C LYS B 38 -9.97 -0.69 9.71
N GLN B 39 -9.51 -0.63 8.44
CA GLN B 39 -8.39 0.25 8.10
C GLN B 39 -8.71 0.91 6.76
N ARG B 40 -8.99 2.19 6.78
CA ARG B 40 -9.32 2.87 5.55
C ARG B 40 -8.05 3.11 4.77
N PRO B 41 -8.13 3.27 3.43
CA PRO B 41 -6.91 3.52 2.66
C PRO B 41 -6.05 4.63 3.26
N GLU B 42 -4.80 4.28 3.56
CA GLU B 42 -3.77 5.17 4.07
C GLU B 42 -4.03 5.66 5.49
N GLN B 43 -4.93 5.01 6.23
CA GLN B 43 -5.34 5.43 7.56
C GLN B 43 -4.90 4.35 8.59
N GLY B 44 -5.16 4.59 9.87
CA GLY B 44 -4.80 3.67 10.93
C GLY B 44 -5.86 2.61 11.16
N LEU B 45 -5.69 1.87 12.26
CA LEU B 45 -6.59 0.78 12.62
C LEU B 45 -7.71 1.34 13.47
N GLU B 46 -8.94 0.89 13.23
CA GLU B 46 -10.09 1.26 14.07
C GLU B 46 -10.81 0.00 14.54
N TRP B 47 -11.07 -0.10 15.83
CA TRP B 47 -11.81 -1.28 16.31
C TRP B 47 -13.30 -1.11 16.00
N ILE B 48 -13.93 -2.13 15.40
CA ILE B 48 -15.37 -2.09 15.13
C ILE B 48 -16.17 -2.67 16.28
N GLY B 49 -15.80 -3.88 16.70
CA GLY B 49 -16.57 -4.56 17.72
C GLY B 49 -16.10 -6.00 17.81
N ARG B 50 -16.79 -6.77 18.64
CA ARG B 50 -16.40 -8.16 18.81
C ARG B 50 -17.62 -8.98 19.20
N ILE B 51 -17.47 -10.30 19.12
CA ILE B 51 -18.43 -11.24 19.68
C ILE B 51 -17.67 -12.30 20.47
N ASP B 52 -18.27 -12.74 21.57
CA ASP B 52 -17.86 -13.92 22.34
C ASP B 52 -18.71 -15.09 21.85
N PRO B 53 -18.17 -15.96 20.98
CA PRO B 53 -19.03 -17.01 20.38
C PRO B 53 -19.56 -17.98 21.41
N ALA B 54 -18.99 -17.98 22.63
CA ALA B 54 -19.52 -18.91 23.65
C ALA B 54 -20.91 -18.51 24.13
N ASN B 55 -21.24 -17.24 24.09
CA ASN B 55 -22.56 -16.83 24.59
C ASN B 55 -23.24 -15.86 23.63
N GLY B 56 -22.59 -15.53 22.53
CA GLY B 56 -23.11 -14.61 21.52
C GLY B 56 -23.07 -13.14 21.88
N ASN B 57 -22.47 -12.77 23.02
CA ASN B 57 -22.47 -11.37 23.45
C ASN B 57 -21.59 -10.54 22.55
N THR B 58 -22.13 -9.43 22.08
CA THR B 58 -21.36 -8.54 21.22
C THR B 58 -21.10 -7.20 21.91
N LYS B 59 -20.03 -6.53 21.50
CA LYS B 59 -19.75 -5.15 21.89
C LYS B 59 -19.31 -4.41 20.64
N TYR B 60 -19.71 -3.15 20.50
CA TYR B 60 -19.38 -2.35 19.32
C TYR B 60 -18.82 -1.01 19.76
N ASP B 61 -17.87 -0.50 19.00
CA ASP B 61 -17.56 0.93 19.09
C ASP B 61 -18.83 1.72 18.77
N PRO B 62 -19.24 2.69 19.59
CA PRO B 62 -20.46 3.44 19.27
C PRO B 62 -20.50 4.03 17.88
N LYS B 63 -19.35 4.41 17.32
CA LYS B 63 -19.24 4.87 15.93
C LYS B 63 -19.90 3.91 14.94
N PHE B 64 -19.90 2.61 15.25
CA PHE B 64 -20.35 1.61 14.29
C PHE B 64 -21.69 0.99 14.65
N GLN B 65 -22.33 1.43 15.73
CA GLN B 65 -23.67 0.95 16.10
C GLN B 65 -24.65 1.22 14.97
N GLY B 66 -25.37 0.19 14.54
CA GLY B 66 -26.27 0.31 13.41
C GLY B 66 -25.62 0.07 12.06
N LYS B 67 -24.34 0.44 11.91
CA LYS B 67 -23.62 0.13 10.68
C LYS B 67 -23.16 -1.33 10.67
N ALA B 68 -22.61 -1.81 11.79
CA ALA B 68 -21.99 -3.11 11.83
C ALA B 68 -22.82 -4.06 12.69
N THR B 69 -22.93 -5.31 12.23
CA THR B 69 -23.58 -6.39 12.96
C THR B 69 -22.62 -7.56 12.90
N ILE B 70 -22.22 -8.09 14.07
CA ILE B 70 -21.27 -9.18 14.15
C ILE B 70 -21.97 -10.40 14.71
N THR B 71 -21.77 -11.54 14.04
CA THR B 71 -22.37 -12.80 14.43
C THR B 71 -21.29 -13.85 14.33
N ALA B 72 -21.59 -15.03 14.86
CA ALA B 72 -20.64 -16.12 14.85
C ALA B 72 -21.43 -17.41 14.83
N ASP B 73 -20.91 -18.38 14.13
CA ASP B 73 -21.49 -19.70 14.13
C ASP B 73 -20.44 -20.71 14.60
N THR B 74 -20.66 -21.33 15.77
CA THR B 74 -19.64 -22.21 16.30
C THR B 74 -19.57 -23.54 15.56
N SER B 75 -20.66 -23.97 14.93
CA SER B 75 -20.62 -25.24 14.22
C SER B 75 -19.75 -25.17 12.97
N SER B 76 -19.60 -23.99 12.36
CA SER B 76 -18.71 -23.82 11.23
C SER B 76 -17.45 -23.05 11.59
N ASN B 77 -17.26 -22.71 12.86
CA ASN B 77 -16.08 -22.00 13.34
C ASN B 77 -15.81 -20.74 12.54
N THR B 78 -16.87 -19.96 12.27
CA THR B 78 -16.80 -18.79 11.41
C THR B 78 -17.41 -17.61 12.14
N ALA B 79 -16.77 -16.45 12.02
CA ALA B 79 -17.30 -15.18 12.47
C ALA B 79 -17.69 -14.35 11.26
N TYR B 80 -18.69 -13.48 11.43
CA TYR B 80 -19.18 -12.68 10.32
C TYR B 80 -19.26 -11.23 10.72
N LEU B 81 -19.12 -10.35 9.73
CA LEU B 81 -19.36 -8.92 9.85
C LEU B 81 -20.30 -8.50 8.73
N GLN B 82 -21.47 -7.99 9.07
CA GLN B 82 -22.43 -7.44 8.13
C GLN B 82 -22.45 -5.92 8.26
N LEU B 83 -22.34 -5.23 7.13
CA LEU B 83 -22.37 -3.77 7.08
C LEU B 83 -23.59 -3.35 6.31
N SER B 84 -24.32 -2.34 6.80
CA SER B 84 -25.57 -1.93 6.18
C SER B 84 -25.38 -0.58 5.47
N SER B 85 -26.31 -0.28 4.54
CA SER B 85 -26.38 0.96 3.77
C SER B 85 -25.00 1.52 3.50
N LEU B 86 -24.22 0.82 2.67
CA LEU B 86 -22.83 1.17 2.47
C LEU B 86 -22.68 2.58 1.92
N THR B 87 -21.61 3.27 2.36
CA THR B 87 -21.17 4.53 1.77
C THR B 87 -19.68 4.44 1.43
N SER B 88 -19.18 5.49 0.79
CA SER B 88 -17.75 5.57 0.46
C SER B 88 -16.90 5.51 1.72
N GLU B 89 -17.43 5.97 2.85
CA GLU B 89 -16.70 5.83 4.12
C GLU B 89 -16.52 4.38 4.56
N ASP B 90 -17.29 3.44 3.99
CA ASP B 90 -17.09 2.04 4.31
C ASP B 90 -16.00 1.35 3.48
N THR B 91 -15.55 1.97 2.39
CA THR B 91 -14.45 1.43 1.61
C THR B 91 -13.22 1.30 2.50
N ALA B 92 -12.71 0.08 2.64
CA ALA B 92 -11.60 -0.10 3.59
C ALA B 92 -11.14 -1.55 3.50
N VAL B 93 -10.07 -1.83 4.20
CA VAL B 93 -9.69 -3.22 4.48
C VAL B 93 -10.28 -3.56 5.84
N TYR B 94 -10.92 -4.74 5.94
CA TYR B 94 -11.49 -5.24 7.19
C TYR B 94 -10.70 -6.45 7.65
N PHE B 95 -10.17 -6.40 8.87
CA PHE B 95 -9.44 -7.54 9.43
C PHE B 95 -10.28 -8.19 10.51
N CYS B 96 -10.24 -9.52 10.53
N CYS B 96 -10.27 -9.52 10.53
CA CYS B 96 -10.74 -10.32 11.65
CA CYS B 96 -10.77 -10.25 11.69
C CYS B 96 -9.53 -10.64 12.53
C CYS B 96 -9.57 -10.67 12.51
N THR B 97 -9.73 -10.67 13.85
CA THR B 97 -8.61 -10.97 14.72
C THR B 97 -9.19 -11.55 16.00
N ARG B 98 -8.42 -12.44 16.66
CA ARG B 98 -8.93 -13.06 17.88
C ARG B 98 -8.20 -12.56 19.11
N SER B 99 -8.91 -12.60 20.24
CA SER B 99 -8.33 -12.34 21.55
C SER B 99 -8.74 -13.49 22.45
N ARG B 100 -7.90 -13.81 23.43
CA ARG B 100 -8.23 -14.88 24.38
C ARG B 100 -8.58 -14.31 25.73
N GLY B 101 -8.84 -13.00 25.78
CA GLY B 101 -9.19 -12.41 27.05
C GLY B 101 -8.13 -12.59 28.11
N TYR B 102 -8.62 -12.63 29.35
CA TYR B 102 -7.73 -12.57 30.49
C TYR B 102 -6.71 -13.70 30.45
N PHE B 103 -7.17 -14.92 30.17
CA PHE B 103 -6.30 -16.08 30.26
C PHE B 103 -5.32 -16.18 29.08
N GLY B 104 -5.46 -15.30 28.10
CA GLY B 104 -4.51 -15.29 26.99
C GLY B 104 -3.86 -13.94 26.87
N ASN B 105 -3.85 -13.17 27.97
CA ASN B 105 -3.17 -11.87 28.06
C ASN B 105 -3.72 -10.86 27.05
N TYR B 106 -4.97 -11.05 26.65
CA TYR B 106 -5.80 -10.04 25.96
C TYR B 106 -5.44 -9.73 24.53
N TYR B 107 -4.14 -9.63 24.20
CA TYR B 107 -3.78 -9.02 22.93
C TYR B 107 -4.31 -9.81 21.72
N PHE B 108 -4.41 -9.12 20.57
CA PHE B 108 -4.79 -9.71 19.29
C PHE B 108 -3.65 -10.58 18.74
N ASP B 109 -3.66 -11.88 19.05
CA ASP B 109 -2.47 -12.68 18.81
C ASP B 109 -2.44 -13.31 17.42
N TYR B 110 -3.59 -13.43 16.75
CA TYR B 110 -3.63 -13.86 15.35
C TYR B 110 -4.62 -12.99 14.60
N TRP B 111 -4.31 -12.74 13.32
CA TRP B 111 -5.07 -11.81 12.49
C TRP B 111 -5.35 -12.47 11.14
N GLY B 112 -6.54 -12.27 10.59
CA GLY B 112 -6.78 -12.69 9.22
C GLY B 112 -5.97 -11.86 8.22
N GLN B 113 -6.04 -12.23 6.95
CA GLN B 113 -5.24 -11.53 5.94
C GLN B 113 -5.94 -10.26 5.46
N GLY B 114 -7.17 -10.00 5.91
CA GLY B 114 -7.90 -8.80 5.53
C GLY B 114 -8.80 -9.06 4.32
N THR B 115 -9.94 -8.35 4.27
CA THR B 115 -10.83 -8.33 3.11
C THR B 115 -10.99 -6.89 2.64
N THR B 116 -10.73 -6.62 1.35
CA THR B 116 -10.92 -5.28 0.82
C THR B 116 -12.35 -5.08 0.36
N LEU B 117 -12.98 -4.03 0.85
CA LEU B 117 -14.32 -3.67 0.39
C LEU B 117 -14.19 -2.36 -0.39
N THR B 118 -14.68 -2.36 -1.63
CA THR B 118 -14.81 -1.14 -2.43
C THR B 118 -16.28 -0.83 -2.64
N VAL B 119 -16.72 0.35 -2.21
CA VAL B 119 -18.11 0.71 -2.33
C VAL B 119 -18.26 1.55 -3.60
N SER B 120 -18.84 0.95 -4.64
CA SER B 120 -19.12 1.67 -5.88
C SER B 120 -20.15 0.88 -6.68
N SER B 121 -21.08 1.60 -7.33
CA SER B 121 -22.04 0.97 -8.26
C SER B 121 -21.46 0.72 -9.65
N ALA B 122 -20.24 1.16 -9.93
CA ALA B 122 -19.70 1.03 -11.29
C ALA B 122 -19.40 -0.42 -11.65
N SER B 123 -19.50 -0.72 -12.95
CA SER B 123 -19.10 -2.01 -13.49
C SER B 123 -17.58 -2.16 -13.37
N THR B 124 -17.10 -3.39 -13.31
CA THR B 124 -15.67 -3.60 -13.43
C THR B 124 -15.19 -3.23 -14.83
N LYS B 125 -13.91 -2.88 -14.93
CA LYS B 125 -13.35 -2.51 -16.22
C LYS B 125 -11.90 -2.98 -16.27
N GLY B 126 -11.55 -3.83 -17.25
CA GLY B 126 -10.20 -4.34 -17.36
C GLY B 126 -9.24 -3.31 -17.96
N PRO B 127 -7.94 -3.41 -17.66
CA PRO B 127 -6.99 -2.41 -18.15
C PRO B 127 -6.60 -2.64 -19.59
N SER B 128 -6.16 -1.57 -20.23
CA SER B 128 -5.30 -1.68 -21.42
C SER B 128 -3.84 -1.70 -20.95
N VAL B 129 -3.00 -2.45 -21.64
CA VAL B 129 -1.60 -2.58 -21.26
C VAL B 129 -0.75 -2.10 -22.44
N PHE B 130 0.09 -1.09 -22.19
CA PHE B 130 0.90 -0.50 -23.23
C PHE B 130 2.38 -0.63 -22.85
N PRO B 131 3.27 -0.85 -23.83
CA PRO B 131 4.70 -0.96 -23.48
C PRO B 131 5.28 0.39 -23.15
N LEU B 132 6.29 0.37 -22.25
CA LEU B 132 7.20 1.49 -22.05
C LEU B 132 8.53 0.99 -22.61
N ALA B 133 8.84 1.40 -23.82
CA ALA B 133 9.88 0.65 -24.50
C ALA B 133 11.25 1.18 -24.08
N PRO B 134 12.25 0.30 -23.92
CA PRO B 134 13.60 0.78 -23.63
C PRO B 134 14.16 1.46 -24.86
N SER B 135 15.03 2.44 -24.65
CA SER B 135 15.64 3.21 -25.74
C SER B 135 16.88 3.93 -25.20
N SER B 136 17.53 4.72 -26.05
CA SER B 136 18.65 5.52 -25.57
C SER B 136 18.22 6.57 -24.54
N LYS B 137 16.93 6.83 -24.39
CA LYS B 137 16.46 7.77 -23.39
C LYS B 137 16.12 7.10 -22.08
N SER B 138 16.33 5.79 -21.97
CA SER B 138 16.03 5.13 -20.71
C SER B 138 17.22 4.30 -20.24
N THR B 139 18.42 4.62 -20.71
CA THR B 139 19.63 3.90 -20.40
C THR B 139 20.51 4.74 -19.49
N SER B 140 21.13 4.09 -18.51
CA SER B 140 22.14 4.73 -17.67
C SER B 140 23.11 3.66 -17.18
N GLY B 141 24.40 3.97 -17.21
CA GLY B 141 25.41 3.07 -16.66
C GLY B 141 25.29 1.64 -17.18
N GLY B 142 25.24 1.48 -18.50
CA GLY B 142 25.04 0.16 -19.09
C GLY B 142 23.76 -0.59 -18.74
N THR B 143 22.75 0.11 -18.24
CA THR B 143 21.48 -0.54 -17.97
C THR B 143 20.37 0.27 -18.64
N ALA B 144 19.23 -0.36 -18.80
CA ALA B 144 18.14 0.23 -19.54
C ALA B 144 16.88 -0.03 -18.77
N ALA B 145 16.00 0.96 -18.68
CA ALA B 145 14.70 0.78 -18.06
C ALA B 145 13.65 0.54 -19.12
N LEU B 146 12.70 -0.34 -18.82
CA LEU B 146 11.56 -0.63 -19.68
C LEU B 146 10.42 -0.94 -18.74
N GLY B 147 9.22 -1.02 -19.27
CA GLY B 147 8.08 -1.25 -18.40
C GLY B 147 6.80 -1.43 -19.17
N CYS B 148 5.69 -1.42 -18.41
CA CYS B 148 4.33 -1.53 -18.93
C CYS B 148 3.47 -0.51 -18.22
N LEU B 149 2.64 0.20 -18.98
CA LEU B 149 1.64 1.12 -18.45
C LEU B 149 0.29 0.40 -18.43
N VAL B 150 -0.28 0.23 -17.24
CA VAL B 150 -1.50 -0.54 -17.07
C VAL B 150 -2.61 0.48 -16.82
N LYS B 151 -3.39 0.78 -17.84
CA LYS B 151 -4.22 1.98 -17.86
C LYS B 151 -5.73 1.69 -17.84
N ASP B 152 -6.43 2.46 -17.01
CA ASP B 152 -7.89 2.62 -17.06
C ASP B 152 -8.60 1.36 -16.59
N TYR B 153 -8.39 0.95 -15.35
CA TYR B 153 -9.11 -0.20 -14.84
C TYR B 153 -9.86 0.15 -13.56
N PHE B 154 -10.79 -0.74 -13.17
CA PHE B 154 -11.57 -0.53 -11.96
C PHE B 154 -12.17 -1.85 -11.55
N PRO B 155 -12.18 -2.22 -10.26
CA PRO B 155 -11.56 -1.56 -9.12
C PRO B 155 -10.13 -2.05 -9.00
N GLU B 156 -9.44 -1.67 -7.95
CA GLU B 156 -8.18 -2.27 -7.64
C GLU B 156 -8.40 -3.72 -7.20
N PRO B 157 -7.34 -4.56 -7.25
CA PRO B 157 -5.97 -4.37 -7.69
C PRO B 157 -5.66 -4.96 -9.06
N VAL B 158 -4.55 -4.58 -9.67
CA VAL B 158 -3.91 -5.41 -10.67
C VAL B 158 -2.63 -5.95 -10.06
N THR B 159 -2.21 -7.11 -10.52
CA THR B 159 -0.87 -7.60 -10.25
C THR B 159 -0.05 -7.58 -11.54
N VAL B 160 1.24 -7.30 -11.40
CA VAL B 160 2.18 -7.30 -12.51
C VAL B 160 3.35 -8.20 -12.13
N SER B 161 3.66 -9.16 -12.97
CA SER B 161 4.95 -9.85 -12.87
C SER B 161 5.70 -9.68 -14.19
N TRP B 162 6.95 -10.14 -14.21
CA TRP B 162 7.79 -10.00 -15.39
C TRP B 162 8.35 -11.36 -15.73
N ASN B 163 8.21 -11.74 -16.99
CA ASN B 163 8.65 -13.04 -17.47
C ASN B 163 8.14 -14.15 -16.55
N SER B 164 6.86 -14.04 -16.20
CA SER B 164 6.17 -15.02 -15.36
C SER B 164 6.87 -15.21 -14.00
N GLY B 165 7.39 -14.12 -13.42
CA GLY B 165 7.97 -14.23 -12.10
C GLY B 165 9.44 -14.57 -12.07
N ALA B 166 10.03 -14.95 -13.21
CA ALA B 166 11.46 -15.19 -13.23
C ALA B 166 12.29 -13.92 -13.11
N LEU B 167 11.72 -12.76 -13.39
CA LEU B 167 12.47 -11.51 -13.34
C LEU B 167 11.93 -10.74 -12.15
N THR B 168 12.75 -10.56 -11.11
CA THR B 168 12.25 -9.86 -9.93
C THR B 168 13.18 -8.72 -9.51
N SER B 169 14.45 -8.82 -9.85
CA SER B 169 15.41 -7.82 -9.42
C SER B 169 15.27 -6.56 -10.28
N GLY B 170 15.40 -5.40 -9.63
CA GLY B 170 15.25 -4.12 -10.30
C GLY B 170 13.85 -3.79 -10.80
N VAL B 171 12.79 -4.45 -10.29
CA VAL B 171 11.39 -4.16 -10.64
C VAL B 171 10.85 -3.11 -9.69
N HIS B 172 10.16 -2.11 -10.23
CA HIS B 172 9.39 -1.18 -9.39
C HIS B 172 7.98 -1.16 -9.96
N THR B 173 7.02 -1.68 -9.21
CA THR B 173 5.62 -1.57 -9.60
C THR B 173 5.03 -0.49 -8.74
N PHE B 174 4.60 0.57 -9.35
CA PHE B 174 4.22 1.76 -8.63
C PHE B 174 2.79 1.65 -8.10
N PRO B 175 2.49 2.35 -7.01
CA PRO B 175 1.11 2.40 -6.54
C PRO B 175 0.21 2.92 -7.66
N ALA B 176 -1.02 2.41 -7.69
CA ALA B 176 -2.00 2.88 -8.65
C ALA B 176 -2.34 4.34 -8.36
N VAL B 177 -2.61 5.10 -9.43
CA VAL B 177 -3.13 6.46 -9.28
C VAL B 177 -4.57 6.48 -9.73
N LEU B 178 -5.38 7.23 -9.02
CA LEU B 178 -6.77 7.47 -9.42
C LEU B 178 -6.77 8.60 -10.41
N GLN B 179 -7.39 8.40 -11.56
CA GLN B 179 -7.43 9.41 -12.61
C GLN B 179 -8.72 10.21 -12.50
N SER B 180 -8.73 11.35 -13.18
CA SER B 180 -9.91 12.21 -13.11
C SER B 180 -11.15 11.56 -13.71
N SER B 181 -10.98 10.56 -14.58
CA SER B 181 -12.09 9.73 -15.07
C SER B 181 -12.67 8.78 -14.00
N GLY B 182 -12.03 8.65 -12.83
CA GLY B 182 -12.49 7.71 -11.81
C GLY B 182 -11.98 6.29 -11.98
N LEU B 183 -11.08 6.08 -12.94
CA LEU B 183 -10.43 4.79 -13.17
C LEU B 183 -8.97 4.87 -12.73
N TYR B 184 -8.37 3.71 -12.46
CA TYR B 184 -7.01 3.63 -11.99
C TYR B 184 -6.06 3.40 -13.15
N SER B 185 -4.80 3.79 -12.92
N SER B 185 -4.80 3.77 -12.92
CA SER B 185 -3.71 3.48 -13.83
CA SER B 185 -3.71 3.45 -13.82
C SER B 185 -2.47 3.16 -12.99
C SER B 185 -2.46 3.17 -13.00
N LEU B 186 -1.62 2.26 -13.50
CA LEU B 186 -0.36 2.03 -12.79
C LEU B 186 0.73 1.70 -13.79
N SER B 187 1.97 1.87 -13.36
CA SER B 187 3.06 1.45 -14.23
C SER B 187 3.96 0.48 -13.46
N SER B 188 4.62 -0.38 -14.21
CA SER B 188 5.62 -1.27 -13.62
C SER B 188 6.84 -1.20 -14.51
N VAL B 189 8.01 -0.89 -13.93
CA VAL B 189 9.24 -0.74 -14.70
C VAL B 189 10.28 -1.70 -14.15
N VAL B 190 11.23 -2.06 -15.00
CA VAL B 190 12.32 -2.92 -14.59
C VAL B 190 13.58 -2.40 -15.27
N THR B 191 14.70 -2.43 -14.55
CA THR B 191 15.97 -2.03 -15.11
C THR B 191 16.81 -3.29 -15.35
N VAL B 192 17.39 -3.41 -16.55
CA VAL B 192 18.08 -4.63 -16.99
C VAL B 192 19.36 -4.22 -17.70
N PRO B 193 20.30 -5.15 -17.87
CA PRO B 193 21.52 -4.81 -18.61
C PRO B 193 21.19 -4.41 -20.04
N SER B 194 21.79 -3.30 -20.48
CA SER B 194 21.55 -2.84 -21.85
C SER B 194 21.89 -3.92 -22.85
N SER B 195 22.95 -4.69 -22.58
CA SER B 195 23.38 -5.75 -23.48
C SER B 195 22.29 -6.80 -23.69
N SER B 196 21.38 -6.95 -22.73
CA SER B 196 20.40 -8.00 -22.79
C SER B 196 19.25 -7.68 -23.73
N LEU B 197 19.13 -6.42 -24.16
CA LEU B 197 17.97 -6.02 -24.95
C LEU B 197 17.89 -6.80 -26.26
N GLY B 198 19.01 -7.08 -26.88
CA GLY B 198 18.76 -7.79 -28.11
C GLY B 198 18.65 -9.28 -27.97
N THR B 199 18.83 -9.80 -26.76
CA THR B 199 19.02 -11.23 -26.55
C THR B 199 18.10 -11.83 -25.50
N GLN B 200 17.35 -11.02 -24.77
CA GLN B 200 16.46 -11.47 -23.70
C GLN B 200 15.09 -10.89 -23.98
N THR B 201 14.07 -11.74 -24.05
CA THR B 201 12.70 -11.27 -24.19
C THR B 201 12.17 -10.79 -22.86
N TYR B 202 11.46 -9.65 -22.86
CA TYR B 202 10.84 -9.13 -21.64
C TYR B 202 9.33 -9.02 -21.83
N ILE B 203 8.56 -9.67 -20.96
CA ILE B 203 7.10 -9.71 -21.02
C ILE B 203 6.55 -9.33 -19.65
N CYS B 204 5.61 -8.40 -19.61
CA CYS B 204 4.95 -8.13 -18.35
C CYS B 204 3.64 -8.89 -18.35
N ASN B 205 3.36 -9.58 -17.25
CA ASN B 205 2.14 -10.37 -17.10
C ASN B 205 1.20 -9.61 -16.19
N VAL B 206 0.08 -9.16 -16.72
CA VAL B 206 -0.85 -8.30 -16.00
C VAL B 206 -2.10 -9.08 -15.74
N ASN B 207 -2.55 -9.10 -14.48
CA ASN B 207 -3.79 -9.76 -14.07
C ASN B 207 -4.70 -8.75 -13.38
N HIS B 208 -5.96 -8.68 -13.83
CA HIS B 208 -6.99 -7.89 -13.17
C HIS B 208 -8.12 -8.85 -12.83
N LYS B 209 -8.05 -9.47 -11.64
CA LYS B 209 -9.03 -10.49 -11.30
C LYS B 209 -10.47 -9.97 -11.35
N PRO B 210 -10.81 -8.76 -10.90
CA PRO B 210 -12.24 -8.35 -10.94
C PRO B 210 -12.86 -8.44 -12.32
N SER B 211 -12.13 -8.17 -13.40
CA SER B 211 -12.70 -8.27 -14.74
C SER B 211 -12.30 -9.55 -15.44
N ASN B 212 -11.50 -10.39 -14.80
CA ASN B 212 -11.05 -11.64 -15.41
C ASN B 212 -10.14 -11.38 -16.61
N THR B 213 -9.30 -10.37 -16.49
CA THR B 213 -8.42 -9.90 -17.56
C THR B 213 -7.02 -10.35 -17.25
N LYS B 214 -6.41 -11.11 -18.16
CA LYS B 214 -5.00 -11.46 -18.08
C LYS B 214 -4.37 -11.04 -19.40
N VAL B 215 -3.31 -10.24 -19.33
CA VAL B 215 -2.65 -9.75 -20.53
C VAL B 215 -1.16 -10.00 -20.38
N ASP B 216 -0.54 -10.54 -21.42
CA ASP B 216 0.92 -10.66 -21.49
C ASP B 216 1.39 -9.72 -22.60
N LYS B 217 2.27 -8.77 -22.26
CA LYS B 217 2.68 -7.77 -23.24
C LYS B 217 4.18 -7.83 -23.36
N ARG B 218 4.65 -8.17 -24.56
CA ARG B 218 6.07 -8.18 -24.87
C ARG B 218 6.51 -6.75 -25.12
N VAL B 219 7.58 -6.34 -24.45
CA VAL B 219 8.08 -4.98 -24.45
C VAL B 219 9.35 -4.97 -25.29
N GLU B 220 9.34 -4.27 -26.42
CA GLU B 220 10.46 -4.34 -27.33
C GLU B 220 11.20 -3.01 -27.41
N PRO B 221 12.51 -3.03 -27.67
CA PRO B 221 13.29 -1.79 -27.71
C PRO B 221 12.81 -0.85 -28.82
N LYS B 222 13.03 0.44 -28.62
CA LYS B 222 12.67 1.45 -29.60
C LYS B 222 13.94 2.22 -29.99
N SER B 223 14.33 2.10 -31.27
CA SER B 223 15.48 2.82 -31.83
C SER B 223 15.13 4.28 -32.14
N CYS B 224 14.23 4.85 -31.32
CA CYS B 224 13.75 6.22 -31.48
C CYS B 224 13.29 6.47 -32.93
#